data_2CNX
#
_entry.id   2CNX
#
_cell.length_a   100.249
_cell.length_b   46.753
_cell.length_c   64.789
_cell.angle_alpha   90.00
_cell.angle_beta   107.08
_cell.angle_gamma   90.00
#
_symmetry.space_group_name_H-M   'C 1 2 1'
#
loop_
_entity.id
_entity.type
_entity.pdbx_description
1 polymer 'WD-REPEAT PROTEIN 5'
2 polymer 'HISTONE H3 DIMETHYL-LYSINE 4'
3 water water
#
loop_
_entity_poly.entity_id
_entity_poly.type
_entity_poly.pdbx_seq_one_letter_code
_entity_poly.pdbx_strand_id
1 'polypeptide(L)'
;SSSATQSKPTPVKPNYALMFTLAGHTKAVSSVKFSPNGEWLASSSADKLIKIWGAYDGKFEKTISGHKLGISDVAWSSDS
NLLVSASDDKTLKIWDVSSGKCLKTLKGHSNYVFCCNFNPQSNLIVSGSFDESVRIWDVKTGMCLKTLPAHSDPVSAVHF
NRDGSLIVSSSYDGLCRIWDTASGQCLKTLIDDDNPPVSFVKFSPNGKYILAATLDNTLKLWDYSKGKCLKTYTGHKNEK
YCIFANFSVTGGKWIVSGSEDNMVYIWNLQTKEIVQKLQGHTDVVISTACHPTENIIASAALENDKTIKLWKSDC
;
A
2 'polypeptide(L)' ART(MLY)Q P
#
# COMPACT_ATOMS: atom_id res chain seq x y z
N THR A 10 -14.80 29.79 -5.61
CA THR A 10 -13.71 29.66 -4.59
C THR A 10 -13.11 28.24 -4.63
N PRO A 11 -11.80 28.12 -4.36
CA PRO A 11 -11.12 26.82 -4.36
C PRO A 11 -11.12 26.10 -3.01
N VAL A 12 -11.09 24.77 -3.08
CA VAL A 12 -11.12 23.96 -1.88
C VAL A 12 -9.79 23.33 -1.49
N LYS A 13 -9.52 23.37 -0.19
CA LYS A 13 -8.33 22.78 0.36
C LYS A 13 -8.78 22.14 1.65
N PRO A 14 -8.48 20.85 1.82
CA PRO A 14 -8.86 20.13 3.03
C PRO A 14 -8.16 20.77 4.22
N ASN A 15 -8.53 20.37 5.43
CA ASN A 15 -7.91 20.93 6.61
C ASN A 15 -7.68 19.82 7.64
N TYR A 16 -6.94 18.81 7.20
CA TYR A 16 -6.63 17.68 8.05
C TYR A 16 -5.87 18.14 9.28
N ALA A 17 -6.31 17.66 10.43
CA ALA A 17 -5.68 17.99 11.69
C ALA A 17 -5.53 16.73 12.52
N LEU A 18 -4.40 16.62 13.21
CA LEU A 18 -4.11 15.47 14.05
C LEU A 18 -5.16 15.20 15.11
N MET A 19 -5.70 13.98 15.14
CA MET A 19 -6.67 13.63 16.16
C MET A 19 -6.00 12.72 17.19
N PHE A 20 -5.19 11.77 16.72
CA PHE A 20 -4.50 10.84 17.61
C PHE A 20 -3.12 10.44 17.08
N THR A 21 -2.25 10.03 17.99
CA THR A 21 -0.92 9.55 17.65
C THR A 21 -0.90 8.18 18.32
N LEU A 22 -0.67 7.13 17.52
CA LEU A 22 -0.67 5.78 18.06
C LEU A 22 0.74 5.23 18.18
N ALA A 23 1.16 4.95 19.41
CA ALA A 23 2.49 4.43 19.69
C ALA A 23 2.40 2.98 20.17
N GLY A 24 3.43 2.20 19.87
CA GLY A 24 3.44 0.80 20.27
C GLY A 24 4.48 -0.03 19.56
N HIS A 25 4.71 0.25 18.29
CA HIS A 25 5.71 -0.49 17.53
C HIS A 25 7.09 -0.11 18.02
N THR A 26 7.98 -1.09 18.12
CA THR A 26 9.34 -0.85 18.60
C THR A 26 10.36 -0.70 17.48
N LYS A 27 9.88 -0.68 16.24
CA LYS A 27 10.73 -0.50 15.08
C LYS A 27 9.91 0.30 14.06
N ALA A 28 10.55 0.74 12.97
CA ALA A 28 9.83 1.51 11.96
C ALA A 28 8.56 0.80 11.51
N VAL A 29 7.51 1.60 11.29
CA VAL A 29 6.24 1.07 10.81
C VAL A 29 6.42 0.98 9.29
N SER A 30 5.92 -0.10 8.68
CA SER A 30 6.07 -0.28 7.25
C SER A 30 4.80 0.01 6.45
N SER A 31 3.65 -0.26 7.03
CA SER A 31 2.40 -0.06 6.29
C SER A 31 1.16 0.04 7.17
N VAL A 32 0.19 0.85 6.73
CA VAL A 32 -1.07 0.99 7.45
C VAL A 32 -2.21 0.87 6.45
N LYS A 33 -3.28 0.19 6.85
CA LYS A 33 -4.44 -0.02 5.99
C LYS A 33 -5.73 -0.01 6.80
N PHE A 34 -6.75 0.70 6.30
CA PHE A 34 -8.04 0.76 6.97
C PHE A 34 -8.85 -0.46 6.56
N SER A 35 -9.59 -1.02 7.50
CA SER A 35 -10.43 -2.16 7.18
C SER A 35 -11.52 -1.56 6.30
N PRO A 36 -12.02 -2.34 5.32
CA PRO A 36 -13.07 -1.85 4.43
C PRO A 36 -14.31 -1.36 5.20
N ASN A 37 -14.64 -2.00 6.32
CA ASN A 37 -15.80 -1.57 7.09
C ASN A 37 -15.53 -0.30 7.87
N GLY A 38 -14.31 0.22 7.73
CA GLY A 38 -13.94 1.47 8.37
C GLY A 38 -13.71 1.55 9.87
N GLU A 39 -13.93 0.46 10.61
CA GLU A 39 -13.72 0.55 12.06
C GLU A 39 -12.28 0.31 12.51
N TRP A 40 -11.49 -0.39 11.70
CA TRP A 40 -10.11 -0.68 12.09
C TRP A 40 -9.00 -0.14 11.20
N LEU A 41 -7.83 0.02 11.81
CA LEU A 41 -6.63 0.41 11.11
C LEU A 41 -5.63 -0.69 11.47
N ALA A 42 -5.06 -1.32 10.45
CA ALA A 42 -4.07 -2.36 10.67
C ALA A 42 -2.71 -1.78 10.34
N SER A 43 -1.71 -2.15 11.13
CA SER A 43 -0.36 -1.65 10.89
C SER A 43 0.64 -2.80 10.95
N SER A 44 1.63 -2.74 10.07
CA SER A 44 2.68 -3.73 10.02
C SER A 44 3.99 -3.00 10.33
N SER A 45 4.97 -3.70 10.85
CA SER A 45 6.23 -3.07 11.20
C SER A 45 7.44 -3.98 11.02
N ALA A 46 8.61 -3.36 11.07
CA ALA A 46 9.87 -4.10 10.95
C ALA A 46 10.06 -4.91 12.24
N ASP A 47 9.23 -4.62 13.25
CA ASP A 47 9.33 -5.32 14.53
C ASP A 47 8.66 -6.68 14.48
N LYS A 48 8.31 -7.12 13.28
CA LYS A 48 7.70 -8.43 13.05
C LYS A 48 6.27 -8.54 13.55
N LEU A 49 5.68 -7.42 13.94
CA LEU A 49 4.32 -7.41 14.46
C LEU A 49 3.30 -6.66 13.61
N ILE A 50 2.05 -7.05 13.82
CA ILE A 50 0.92 -6.42 13.18
C ILE A 50 0.06 -5.98 14.35
N LYS A 51 -0.34 -4.72 14.37
CA LYS A 51 -1.18 -4.22 15.44
C LYS A 51 -2.49 -3.72 14.88
N ILE A 52 -3.55 -3.86 15.67
CA ILE A 52 -4.89 -3.45 15.27
C ILE A 52 -5.31 -2.27 16.13
N TRP A 53 -5.83 -1.22 15.50
CA TRP A 53 -6.24 -0.03 16.24
C TRP A 53 -7.64 0.41 15.85
N GLY A 54 -8.29 1.14 16.75
CA GLY A 54 -9.62 1.65 16.47
C GLY A 54 -9.46 2.89 15.61
N ALA A 55 -10.03 2.86 14.41
CA ALA A 55 -9.93 3.96 13.47
C ALA A 55 -10.46 5.30 13.97
N TYR A 56 -11.52 5.27 14.78
CA TYR A 56 -12.12 6.49 15.27
C TYR A 56 -11.66 6.94 16.67
N ASP A 57 -11.15 6.01 17.47
CA ASP A 57 -10.68 6.35 18.81
C ASP A 57 -9.18 6.16 19.00
N GLY A 58 -8.52 5.63 17.97
CA GLY A 58 -7.09 5.40 18.07
C GLY A 58 -6.72 4.38 19.13
N LYS A 59 -7.74 3.84 19.81
CA LYS A 59 -7.53 2.86 20.87
C LYS A 59 -6.91 1.55 20.39
N PHE A 60 -5.78 1.20 20.99
CA PHE A 60 -5.10 -0.05 20.66
C PHE A 60 -6.08 -1.19 20.89
N GLU A 61 -6.09 -2.15 19.98
CA GLU A 61 -7.01 -3.28 20.08
C GLU A 61 -6.30 -4.59 20.36
N LYS A 62 -5.25 -4.88 19.59
CA LYS A 62 -4.50 -6.12 19.79
C LYS A 62 -3.25 -6.21 18.92
N THR A 63 -2.38 -7.14 19.27
CA THR A 63 -1.16 -7.39 18.54
C THR A 63 -1.25 -8.80 17.98
N ILE A 64 -0.79 -8.97 16.75
CA ILE A 64 -0.82 -10.26 16.09
C ILE A 64 0.62 -10.60 15.71
N SER A 65 1.11 -11.74 16.19
CA SER A 65 2.48 -12.17 15.94
C SER A 65 2.60 -13.54 15.30
N GLY A 66 3.75 -13.79 14.67
CA GLY A 66 3.99 -15.06 14.01
C GLY A 66 5.17 -15.04 13.06
N HIS A 67 5.33 -13.96 12.30
CA HIS A 67 6.45 -13.87 11.37
C HIS A 67 7.80 -13.90 12.09
N LYS A 68 8.81 -14.49 11.45
CA LYS A 68 10.14 -14.58 12.03
C LYS A 68 10.97 -13.33 11.76
N LEU A 69 10.53 -12.52 10.80
CA LEU A 69 11.25 -11.30 10.46
C LEU A 69 10.28 -10.16 10.16
N GLY A 70 10.84 -8.99 9.82
CA GLY A 70 10.02 -7.84 9.54
C GLY A 70 8.95 -8.02 8.47
N ILE A 71 7.88 -7.24 8.61
CA ILE A 71 6.75 -7.28 7.68
C ILE A 71 6.78 -5.97 6.89
N SER A 72 6.65 -6.08 5.57
CA SER A 72 6.68 -4.90 4.71
C SER A 72 5.29 -4.43 4.30
N ASP A 73 4.29 -5.31 4.41
CA ASP A 73 2.94 -4.93 3.98
C ASP A 73 1.85 -5.83 4.54
N VAL A 74 0.64 -5.27 4.65
CA VAL A 74 -0.54 -6.01 5.14
C VAL A 74 -1.75 -5.56 4.33
N ALA A 75 -2.76 -6.41 4.24
CA ALA A 75 -3.95 -6.09 3.49
C ALA A 75 -5.17 -6.80 4.05
N TRP A 76 -6.33 -6.14 3.99
CA TRP A 76 -7.58 -6.68 4.50
C TRP A 76 -8.42 -7.41 3.46
N SER A 77 -9.21 -8.36 3.93
CA SER A 77 -10.12 -9.08 3.04
C SER A 77 -11.35 -8.16 2.94
N SER A 78 -12.16 -8.34 1.91
CA SER A 78 -13.34 -7.52 1.70
C SER A 78 -14.30 -7.45 2.88
N ASP A 79 -14.42 -8.54 3.63
CA ASP A 79 -15.34 -8.56 4.76
C ASP A 79 -14.70 -8.11 6.08
N SER A 80 -13.49 -7.56 6.00
CA SER A 80 -12.77 -7.07 7.18
C SER A 80 -12.46 -8.18 8.19
N ASN A 81 -12.64 -9.44 7.79
CA ASN A 81 -12.40 -10.56 8.69
C ASN A 81 -10.99 -11.15 8.61
N LEU A 82 -10.37 -11.06 7.44
CA LEU A 82 -9.03 -11.61 7.26
C LEU A 82 -7.98 -10.55 6.93
N LEU A 83 -6.73 -10.90 7.22
CA LEU A 83 -5.60 -10.02 6.95
C LEU A 83 -4.48 -10.87 6.38
N VAL A 84 -3.78 -10.35 5.38
CA VAL A 84 -2.65 -11.08 4.84
C VAL A 84 -1.42 -10.18 5.01
N SER A 85 -0.28 -10.79 5.34
CA SER A 85 0.94 -10.03 5.56
C SER A 85 2.11 -10.55 4.72
N ALA A 86 3.01 -9.64 4.35
CA ALA A 86 4.19 -9.96 3.55
C ALA A 86 5.42 -9.72 4.40
N SER A 87 6.28 -10.74 4.53
CA SER A 87 7.45 -10.63 5.39
C SER A 87 8.80 -10.98 4.75
N ASP A 88 9.86 -10.53 5.41
CA ASP A 88 11.21 -10.82 4.96
C ASP A 88 11.51 -12.30 5.19
N ASP A 89 10.70 -12.98 5.99
CA ASP A 89 10.93 -14.39 6.23
C ASP A 89 10.52 -15.23 5.01
N LYS A 90 10.27 -14.54 3.91
CA LYS A 90 9.88 -15.13 2.62
C LYS A 90 8.48 -15.73 2.57
N THR A 91 7.66 -15.47 3.57
CA THR A 91 6.32 -16.00 3.55
C THR A 91 5.29 -14.90 3.74
N LEU A 92 4.05 -15.27 3.44
CA LEU A 92 2.91 -14.41 3.63
C LEU A 92 2.09 -15.21 4.63
N LYS A 93 1.35 -14.53 5.49
CA LYS A 93 0.51 -15.24 6.45
C LYS A 93 -0.89 -14.66 6.40
N ILE A 94 -1.88 -15.55 6.40
CA ILE A 94 -3.28 -15.13 6.42
C ILE A 94 -3.74 -15.23 7.85
N TRP A 95 -4.33 -14.16 8.37
CA TRP A 95 -4.76 -14.12 9.75
C TRP A 95 -6.24 -13.89 9.99
N ASP A 96 -6.76 -14.53 11.04
CA ASP A 96 -8.14 -14.32 11.42
C ASP A 96 -8.02 -13.17 12.41
N VAL A 97 -8.47 -11.99 12.00
CA VAL A 97 -8.37 -10.81 12.86
C VAL A 97 -9.03 -10.98 14.22
N SER A 98 -10.20 -11.59 14.25
CA SER A 98 -10.94 -11.81 15.48
C SER A 98 -10.12 -12.55 16.54
N SER A 99 -9.60 -13.71 16.18
CA SER A 99 -8.80 -14.51 17.10
C SER A 99 -7.33 -14.11 17.09
N GLY A 100 -6.89 -13.47 16.00
CA GLY A 100 -5.51 -13.07 15.88
C GLY A 100 -4.60 -14.23 15.54
N LYS A 101 -5.18 -15.32 15.09
CA LYS A 101 -4.36 -16.48 14.76
C LYS A 101 -4.10 -16.68 13.27
N CYS A 102 -2.97 -17.30 12.98
CA CYS A 102 -2.54 -17.58 11.63
C CYS A 102 -3.34 -18.76 11.09
N LEU A 103 -4.04 -18.54 9.97
CA LEU A 103 -4.84 -19.59 9.35
C LEU A 103 -4.02 -20.34 8.31
N LYS A 104 -3.11 -19.62 7.67
CA LYS A 104 -2.27 -20.21 6.63
C LYS A 104 -0.97 -19.45 6.49
N THR A 105 0.07 -20.17 6.11
CA THR A 105 1.38 -19.58 5.87
C THR A 105 1.58 -19.94 4.40
N LEU A 106 1.82 -18.93 3.57
CA LEU A 106 2.01 -19.15 2.14
C LEU A 106 3.50 -19.18 1.81
N LYS A 107 3.96 -20.35 1.38
CA LYS A 107 5.36 -20.55 1.05
C LYS A 107 5.61 -20.82 -0.43
N GLY A 108 6.61 -20.14 -0.96
CA GLY A 108 6.96 -20.29 -2.36
C GLY A 108 8.04 -19.31 -2.79
N HIS A 109 7.93 -18.06 -2.34
CA HIS A 109 8.92 -17.05 -2.68
C HIS A 109 10.28 -17.47 -2.16
N SER A 110 11.32 -17.13 -2.92
CA SER A 110 12.69 -17.49 -2.56
C SER A 110 13.44 -16.31 -1.95
N ASN A 111 12.74 -15.23 -1.65
CA ASN A 111 13.35 -14.05 -1.04
C ASN A 111 12.25 -13.21 -0.39
N TYR A 112 12.60 -12.07 0.18
CA TYR A 112 11.61 -11.21 0.87
C TYR A 112 10.31 -11.00 0.11
N VAL A 113 9.19 -11.12 0.83
CA VAL A 113 7.90 -10.85 0.22
C VAL A 113 7.72 -9.38 0.61
N PHE A 114 7.48 -8.54 -0.40
CA PHE A 114 7.40 -7.10 -0.22
C PHE A 114 6.01 -6.48 -0.22
N CYS A 115 5.12 -7.02 -1.04
CA CYS A 115 3.78 -6.44 -1.16
C CYS A 115 2.71 -7.49 -1.31
N CYS A 116 1.49 -7.15 -0.92
CA CYS A 116 0.40 -8.11 -1.00
C CYS A 116 -0.97 -7.44 -1.06
N ASN A 117 -1.95 -8.19 -1.56
CA ASN A 117 -3.33 -7.69 -1.69
C ASN A 117 -4.32 -8.80 -1.97
N PHE A 118 -5.55 -8.63 -1.47
CA PHE A 118 -6.63 -9.58 -1.73
C PHE A 118 -7.31 -9.05 -2.97
N ASN A 119 -7.99 -9.92 -3.72
CA ASN A 119 -8.75 -9.43 -4.87
C ASN A 119 -10.09 -9.07 -4.21
N PRO A 120 -10.97 -8.35 -4.93
CA PRO A 120 -12.27 -7.95 -4.38
C PRO A 120 -13.08 -9.13 -3.84
N GLN A 121 -12.97 -10.27 -4.50
CA GLN A 121 -13.68 -11.47 -4.07
C GLN A 121 -13.07 -11.96 -2.77
N SER A 122 -11.77 -11.73 -2.62
CA SER A 122 -11.01 -12.14 -1.45
C SER A 122 -10.82 -13.66 -1.35
N ASN A 123 -10.80 -14.32 -2.51
CA ASN A 123 -10.59 -15.76 -2.58
C ASN A 123 -9.19 -15.93 -3.16
N LEU A 124 -8.59 -14.81 -3.53
CA LEU A 124 -7.25 -14.82 -4.10
C LEU A 124 -6.38 -13.77 -3.46
N ILE A 125 -5.08 -14.04 -3.45
CA ILE A 125 -4.12 -13.11 -2.91
C ILE A 125 -2.98 -12.97 -3.90
N VAL A 126 -2.53 -11.74 -4.10
CA VAL A 126 -1.42 -11.50 -5.01
C VAL A 126 -0.24 -10.98 -4.19
N SER A 127 0.95 -11.47 -4.50
CA SER A 127 2.15 -11.08 -3.78
C SER A 127 3.28 -10.70 -4.73
N GLY A 128 4.15 -9.81 -4.25
CA GLY A 128 5.29 -9.37 -5.03
C GLY A 128 6.52 -9.59 -4.16
N SER A 129 7.62 -10.06 -4.75
CA SER A 129 8.82 -10.33 -3.98
C SER A 129 10.13 -9.82 -4.57
N PHE A 130 11.17 -9.89 -3.74
CA PHE A 130 12.50 -9.48 -4.13
C PHE A 130 13.03 -10.50 -5.12
N ASP A 131 12.40 -11.68 -5.13
CA ASP A 131 12.80 -12.73 -6.05
C ASP A 131 12.36 -12.40 -7.47
N GLU A 132 11.74 -11.23 -7.64
CA GLU A 132 11.30 -10.72 -8.94
C GLU A 132 10.02 -11.32 -9.50
N SER A 133 9.34 -12.16 -8.72
CA SER A 133 8.11 -12.76 -9.20
C SER A 133 6.88 -12.18 -8.54
N VAL A 134 5.74 -12.47 -9.16
CA VAL A 134 4.43 -12.10 -8.65
C VAL A 134 3.77 -13.46 -8.54
N ARG A 135 3.19 -13.75 -7.38
CA ARG A 135 2.52 -15.03 -7.19
C ARG A 135 1.07 -14.80 -6.83
N ILE A 136 0.21 -15.69 -7.31
CA ILE A 136 -1.22 -15.62 -7.06
C ILE A 136 -1.57 -16.84 -6.20
N TRP A 137 -2.14 -16.58 -5.02
CA TRP A 137 -2.47 -17.65 -4.10
C TRP A 137 -3.96 -17.87 -3.86
N ASP A 138 -4.32 -19.13 -3.63
CA ASP A 138 -5.71 -19.48 -3.32
C ASP A 138 -5.86 -19.24 -1.82
N VAL A 139 -6.80 -18.40 -1.43
CA VAL A 139 -7.01 -18.09 -0.03
C VAL A 139 -7.44 -19.26 0.86
N LYS A 140 -8.38 -20.07 0.38
CA LYS A 140 -8.89 -21.18 1.17
C LYS A 140 -7.85 -22.28 1.46
N THR A 141 -7.07 -22.66 0.45
CA THR A 141 -6.06 -23.70 0.61
C THR A 141 -4.69 -23.17 1.02
N GLY A 142 -4.31 -22.03 0.46
CA GLY A 142 -3.02 -21.46 0.74
C GLY A 142 -2.05 -21.90 -0.35
N MET A 143 -2.58 -22.61 -1.33
CA MET A 143 -1.77 -23.11 -2.44
C MET A 143 -1.44 -21.99 -3.41
N CYS A 144 -0.28 -22.10 -4.05
CA CYS A 144 0.13 -21.11 -5.04
C CYS A 144 -0.39 -21.59 -6.38
N LEU A 145 -1.27 -20.79 -6.99
CA LEU A 145 -1.85 -21.15 -8.28
C LEU A 145 -0.94 -20.78 -9.44
N LYS A 146 -0.40 -19.57 -9.38
CA LYS A 146 0.47 -19.11 -10.46
C LYS A 146 1.66 -18.32 -9.94
N THR A 147 2.77 -18.47 -10.66
CA THR A 147 4.00 -17.76 -10.36
C THR A 147 4.34 -17.05 -11.67
N LEU A 148 4.31 -15.72 -11.64
CA LEU A 148 4.60 -14.94 -12.83
C LEU A 148 6.00 -14.33 -12.79
N PRO A 149 6.79 -14.57 -13.85
CA PRO A 149 8.15 -14.04 -13.97
C PRO A 149 7.90 -12.62 -14.46
N ALA A 150 7.25 -11.87 -13.57
CA ALA A 150 6.83 -10.51 -13.84
C ALA A 150 7.90 -9.47 -14.12
N HIS A 151 9.04 -9.57 -13.46
CA HIS A 151 10.07 -8.56 -13.62
C HIS A 151 11.51 -9.04 -13.51
N SER A 152 12.44 -8.13 -13.74
CA SER A 152 13.87 -8.43 -13.66
C SER A 152 14.56 -7.75 -12.47
N ASP A 153 13.76 -7.39 -11.47
CA ASP A 153 14.23 -6.77 -10.22
C ASP A 153 13.11 -6.85 -9.20
N PRO A 154 13.41 -6.57 -7.91
CA PRO A 154 12.39 -6.62 -6.87
C PRO A 154 11.06 -5.96 -7.23
N VAL A 155 9.96 -6.64 -6.90
CA VAL A 155 8.61 -6.15 -7.15
C VAL A 155 8.20 -5.27 -5.97
N SER A 156 7.92 -4.00 -6.27
CA SER A 156 7.56 -3.03 -5.25
C SER A 156 6.08 -2.99 -4.86
N ALA A 157 5.20 -3.36 -5.78
CA ALA A 157 3.78 -3.33 -5.51
C ALA A 157 2.96 -4.22 -6.43
N VAL A 158 1.82 -4.65 -5.91
CA VAL A 158 0.87 -5.48 -6.66
C VAL A 158 -0.51 -5.05 -6.19
N HIS A 159 -1.45 -4.96 -7.12
CA HIS A 159 -2.79 -4.53 -6.77
C HIS A 159 -3.80 -5.04 -7.80
N PHE A 160 -4.99 -5.40 -7.32
CA PHE A 160 -6.06 -5.88 -8.19
C PHE A 160 -6.95 -4.70 -8.55
N ASN A 161 -7.48 -4.70 -9.77
CA ASN A 161 -8.39 -3.65 -10.18
C ASN A 161 -9.71 -4.01 -9.51
N ARG A 162 -10.71 -3.15 -9.63
CA ARG A 162 -12.00 -3.39 -8.96
C ARG A 162 -12.82 -4.64 -9.28
N ASP A 163 -12.67 -5.24 -10.46
CA ASP A 163 -13.44 -6.46 -10.71
C ASP A 163 -12.55 -7.69 -10.59
N GLY A 164 -11.31 -7.47 -10.15
CA GLY A 164 -10.36 -8.54 -9.95
C GLY A 164 -9.82 -9.25 -11.18
N SER A 165 -10.20 -8.80 -12.36
CA SER A 165 -9.72 -9.45 -13.58
C SER A 165 -8.30 -9.04 -13.93
N LEU A 166 -7.84 -7.94 -13.35
CA LEU A 166 -6.50 -7.43 -13.61
C LEU A 166 -5.65 -7.24 -12.35
N ILE A 167 -4.34 -7.26 -12.57
CA ILE A 167 -3.34 -7.07 -11.52
C ILE A 167 -2.32 -6.08 -12.08
N VAL A 168 -1.94 -5.10 -11.28
CA VAL A 168 -0.92 -4.16 -11.72
C VAL A 168 0.29 -4.39 -10.83
N SER A 169 1.46 -4.51 -11.45
CA SER A 169 2.70 -4.71 -10.70
C SER A 169 3.68 -3.61 -11.07
N SER A 170 4.62 -3.35 -10.16
CA SER A 170 5.65 -2.33 -10.37
C SER A 170 6.97 -2.92 -9.90
N SER A 171 8.08 -2.45 -10.47
CA SER A 171 9.37 -2.98 -10.10
C SER A 171 10.53 -2.01 -10.21
N TYR A 172 11.63 -2.36 -9.55
CA TYR A 172 12.84 -1.57 -9.59
C TYR A 172 13.43 -1.65 -10.99
N ASP A 173 12.94 -2.57 -11.81
CA ASP A 173 13.45 -2.69 -13.17
C ASP A 173 12.96 -1.51 -13.98
N GLY A 174 12.12 -0.67 -13.38
CA GLY A 174 11.61 0.51 -14.07
C GLY A 174 10.31 0.29 -14.80
N LEU A 175 9.73 -0.90 -14.67
CA LEU A 175 8.48 -1.20 -15.36
C LEU A 175 7.24 -1.31 -14.50
N CYS A 176 6.10 -1.14 -15.17
CA CYS A 176 4.78 -1.28 -14.57
C CYS A 176 4.06 -2.17 -15.56
N ARG A 177 3.58 -3.32 -15.10
CA ARG A 177 2.88 -4.24 -15.97
C ARG A 177 1.50 -4.59 -15.46
N ILE A 178 0.55 -4.75 -16.39
CA ILE A 178 -0.81 -5.11 -16.04
C ILE A 178 -1.01 -6.56 -16.50
N TRP A 179 -1.50 -7.40 -15.59
CA TRP A 179 -1.69 -8.81 -15.87
C TRP A 179 -3.12 -9.31 -15.85
N ASP A 180 -3.36 -10.34 -16.66
CA ASP A 180 -4.68 -10.97 -16.71
C ASP A 180 -4.70 -11.95 -15.53
N THR A 181 -5.57 -11.71 -14.57
CA THR A 181 -5.64 -12.58 -13.39
C THR A 181 -5.85 -14.06 -13.70
N ALA A 182 -6.86 -14.35 -14.51
CA ALA A 182 -7.19 -15.73 -14.87
C ALA A 182 -6.09 -16.51 -15.55
N SER A 183 -5.46 -15.91 -16.56
CA SER A 183 -4.41 -16.58 -17.33
C SER A 183 -2.99 -16.29 -16.87
N GLY A 184 -2.81 -15.20 -16.11
CA GLY A 184 -1.48 -14.85 -15.64
C GLY A 184 -0.62 -14.24 -16.74
N GLN A 185 -1.22 -13.97 -17.90
CA GLN A 185 -0.47 -13.39 -19.02
C GLN A 185 -0.47 -11.85 -18.96
N CYS A 186 0.62 -11.25 -19.41
CA CYS A 186 0.79 -9.80 -19.40
C CYS A 186 -0.07 -9.12 -20.46
N LEU A 187 -0.97 -8.24 -20.04
CA LEU A 187 -1.82 -7.54 -20.99
C LEU A 187 -1.15 -6.25 -21.45
N LYS A 188 -0.22 -5.74 -20.65
CA LYS A 188 0.44 -4.51 -21.05
C LYS A 188 1.60 -4.08 -20.16
N THR A 189 2.60 -3.48 -20.79
CA THR A 189 3.75 -2.93 -20.08
C THR A 189 3.51 -1.44 -20.23
N LEU A 190 2.83 -0.88 -19.24
CA LEU A 190 2.43 0.52 -19.19
C LEU A 190 3.59 1.49 -19.11
N ILE A 191 4.50 1.27 -18.17
CA ILE A 191 5.67 2.12 -18.06
C ILE A 191 6.77 1.26 -18.63
N ASP A 192 7.29 1.76 -19.73
CA ASP A 192 8.28 1.16 -20.61
C ASP A 192 9.75 1.53 -20.43
N ASP A 193 10.00 2.71 -19.89
CA ASP A 193 11.37 3.13 -19.70
C ASP A 193 11.93 2.33 -18.54
N ASP A 194 13.20 1.96 -18.62
CA ASP A 194 13.79 1.23 -17.51
C ASP A 194 14.67 2.21 -16.80
N ASN A 195 14.30 2.44 -15.55
CA ASN A 195 14.89 3.43 -14.68
C ASN A 195 14.01 4.57 -15.17
N PRO A 196 13.47 5.36 -14.25
CA PRO A 196 13.71 5.18 -12.82
C PRO A 196 12.86 4.09 -12.19
N PRO A 197 13.33 3.51 -11.08
CA PRO A 197 12.60 2.45 -10.38
C PRO A 197 11.17 2.90 -10.09
N VAL A 198 10.20 2.01 -10.35
CA VAL A 198 8.81 2.32 -10.08
C VAL A 198 8.61 1.72 -8.69
N SER A 199 8.40 2.59 -7.71
CA SER A 199 8.27 2.17 -6.32
C SER A 199 6.87 1.87 -5.81
N PHE A 200 5.86 2.13 -6.61
CA PHE A 200 4.49 1.89 -6.16
C PHE A 200 3.47 2.11 -7.27
N VAL A 201 2.48 1.23 -7.32
CA VAL A 201 1.40 1.34 -8.30
C VAL A 201 0.08 0.94 -7.67
N LYS A 202 -0.98 1.54 -8.14
CA LYS A 202 -2.31 1.25 -7.62
C LYS A 202 -3.35 1.68 -8.62
N PHE A 203 -4.45 0.93 -8.66
CA PHE A 203 -5.56 1.25 -9.54
C PHE A 203 -6.38 2.32 -8.86
N SER A 204 -7.07 3.14 -9.64
CA SER A 204 -7.95 4.15 -9.09
C SER A 204 -9.23 3.42 -8.69
N PRO A 205 -10.02 3.99 -7.79
CA PRO A 205 -11.28 3.39 -7.33
C PRO A 205 -12.17 2.88 -8.46
N ASN A 206 -12.20 3.60 -9.57
CA ASN A 206 -13.02 3.22 -10.72
C ASN A 206 -12.28 2.31 -11.69
N GLY A 207 -11.11 1.84 -11.29
CA GLY A 207 -10.32 0.94 -12.13
C GLY A 207 -9.86 1.42 -13.50
N LYS A 208 -10.07 2.70 -13.80
CA LYS A 208 -9.65 3.20 -15.11
C LYS A 208 -8.25 3.80 -15.11
N TYR A 209 -7.80 4.26 -13.95
CA TYR A 209 -6.46 4.85 -13.86
C TYR A 209 -5.53 4.07 -12.97
N ILE A 210 -4.25 4.37 -13.12
CA ILE A 210 -3.20 3.77 -12.34
C ILE A 210 -2.31 4.89 -11.80
N LEU A 211 -2.14 4.89 -10.49
CA LEU A 211 -1.31 5.88 -9.82
C LEU A 211 0.05 5.21 -9.64
N ALA A 212 1.09 5.81 -10.19
CA ALA A 212 2.42 5.22 -10.09
C ALA A 212 3.45 6.19 -9.52
N ALA A 213 4.31 5.68 -8.65
CA ALA A 213 5.36 6.49 -8.05
C ALA A 213 6.71 5.96 -8.49
N THR A 214 7.59 6.88 -8.88
CA THR A 214 8.94 6.53 -9.29
C THR A 214 9.94 7.18 -8.33
N LEU A 215 11.12 6.59 -8.17
CA LEU A 215 12.10 7.13 -7.24
C LEU A 215 12.85 8.34 -7.79
N ASP A 216 12.09 9.28 -8.34
CA ASP A 216 12.64 10.49 -8.87
C ASP A 216 11.70 11.60 -8.42
N ASN A 217 11.17 11.43 -7.22
CA ASN A 217 10.26 12.40 -6.61
C ASN A 217 9.05 12.68 -7.47
N THR A 218 8.51 11.65 -8.10
CA THR A 218 7.37 11.85 -8.96
C THR A 218 6.25 10.82 -8.91
N LEU A 219 5.03 11.34 -8.89
CA LEU A 219 3.80 10.55 -8.88
C LEU A 219 3.09 10.85 -10.20
N LYS A 220 2.59 9.81 -10.86
CA LYS A 220 1.90 10.01 -12.13
C LYS A 220 0.61 9.22 -12.23
N LEU A 221 -0.38 9.87 -12.83
CA LEU A 221 -1.69 9.26 -13.03
C LEU A 221 -1.74 8.85 -14.50
N TRP A 222 -1.81 7.54 -14.75
CA TRP A 222 -1.87 7.05 -16.12
C TRP A 222 -3.25 6.55 -16.49
N ASP A 223 -3.64 6.77 -17.75
CA ASP A 223 -4.91 6.27 -18.24
C ASP A 223 -4.54 4.89 -18.76
N TYR A 224 -4.90 3.86 -18.01
CA TYR A 224 -4.59 2.48 -18.37
C TYR A 224 -4.93 2.07 -19.81
N SER A 225 -6.16 2.31 -20.23
CA SER A 225 -6.60 1.92 -21.57
C SER A 225 -5.79 2.59 -22.68
N LYS A 226 -5.51 3.87 -22.53
CA LYS A 226 -4.77 4.64 -23.52
C LYS A 226 -3.25 4.47 -23.39
N GLY A 227 -2.80 4.13 -22.19
CA GLY A 227 -1.38 3.96 -21.95
C GLY A 227 -0.67 5.30 -21.92
N LYS A 228 -1.37 6.35 -21.51
CA LYS A 228 -0.79 7.68 -21.46
C LYS A 228 -0.90 8.40 -20.13
N CYS A 229 0.13 9.20 -19.83
CA CYS A 229 0.18 9.96 -18.59
C CYS A 229 -0.73 11.17 -18.69
N LEU A 230 -1.64 11.29 -17.73
CA LEU A 230 -2.59 12.40 -17.70
C LEU A 230 -2.19 13.48 -16.71
N LYS A 231 -1.70 13.09 -15.54
CA LYS A 231 -1.30 14.05 -14.52
C LYS A 231 0.02 13.66 -13.88
N THR A 232 0.75 14.66 -13.42
CA THR A 232 2.01 14.45 -12.73
C THR A 232 1.92 15.24 -11.43
N TYR A 233 2.43 14.66 -10.34
CA TYR A 233 2.38 15.30 -9.04
C TYR A 233 3.79 15.31 -8.47
N THR A 234 4.26 16.50 -8.06
CA THR A 234 5.62 16.65 -7.54
C THR A 234 5.66 17.62 -6.35
N GLY A 235 6.86 17.79 -5.79
CA GLY A 235 7.00 18.69 -4.66
C GLY A 235 7.42 17.97 -3.39
N HIS A 236 7.19 16.66 -3.35
CA HIS A 236 7.55 15.85 -2.19
C HIS A 236 8.89 15.18 -2.45
N LYS A 237 9.44 14.51 -1.45
CA LYS A 237 10.72 13.82 -1.60
C LYS A 237 10.56 12.31 -1.62
N ASN A 238 11.09 11.67 -2.65
CA ASN A 238 10.99 10.22 -2.75
C ASN A 238 11.97 9.67 -3.78
N GLU A 239 13.12 9.24 -3.28
CA GLU A 239 14.17 8.69 -4.12
C GLU A 239 14.76 7.46 -3.44
N LYS A 240 14.31 7.18 -2.22
CA LYS A 240 14.87 6.07 -1.46
C LYS A 240 13.93 4.92 -1.07
N TYR A 241 12.72 5.24 -0.63
CA TYR A 241 11.80 4.20 -0.18
C TYR A 241 10.58 4.00 -1.05
N CYS A 242 9.98 2.81 -0.91
CA CYS A 242 8.76 2.50 -1.63
C CYS A 242 7.60 3.00 -0.77
N ILE A 243 7.22 4.24 -1.02
CA ILE A 243 6.16 4.91 -0.28
C ILE A 243 4.77 4.66 -0.87
N PHE A 244 3.81 4.37 0.00
CA PHE A 244 2.42 4.15 -0.41
C PHE A 244 1.77 5.48 -0.77
N ALA A 245 1.01 5.49 -1.86
CA ALA A 245 0.30 6.69 -2.30
C ALA A 245 -1.19 6.32 -2.40
N ASN A 246 -2.08 7.30 -2.26
CA ASN A 246 -3.51 7.04 -2.28
C ASN A 246 -4.36 8.05 -3.02
N PHE A 247 -5.59 7.62 -3.33
CA PHE A 247 -6.61 8.44 -3.95
C PHE A 247 -7.52 8.77 -2.76
N SER A 248 -7.89 10.04 -2.59
CA SER A 248 -8.79 10.40 -1.52
C SER A 248 -10.06 10.83 -2.22
N VAL A 249 -11.18 10.16 -1.94
CA VAL A 249 -12.44 10.48 -2.59
C VAL A 249 -13.63 10.65 -1.65
N THR A 250 -13.38 10.78 -0.36
CA THR A 250 -14.45 10.94 0.63
C THR A 250 -14.96 12.39 0.71
N GLY A 251 -14.15 13.30 0.20
CA GLY A 251 -14.53 14.70 0.17
C GLY A 251 -14.04 15.23 -1.17
N GLY A 252 -12.99 16.05 -1.14
CA GLY A 252 -12.43 16.54 -2.38
C GLY A 252 -11.56 15.45 -2.95
N LYS A 253 -11.43 15.41 -4.27
CA LYS A 253 -10.62 14.40 -4.93
C LYS A 253 -9.15 14.78 -4.81
N TRP A 254 -8.43 14.12 -3.90
CA TRP A 254 -7.01 14.40 -3.72
C TRP A 254 -6.12 13.21 -3.99
N ILE A 255 -4.82 13.47 -3.99
CA ILE A 255 -3.81 12.45 -4.14
C ILE A 255 -3.05 12.60 -2.83
N VAL A 256 -2.89 11.51 -2.10
CA VAL A 256 -2.22 11.54 -0.81
C VAL A 256 -0.96 10.68 -0.83
N SER A 257 0.09 11.16 -0.17
CA SER A 257 1.32 10.41 -0.17
C SER A 257 2.26 10.77 0.95
N GLY A 258 3.10 9.81 1.32
CA GLY A 258 4.10 10.02 2.34
C GLY A 258 5.25 10.74 1.66
N SER A 259 6.32 11.01 2.41
CA SER A 259 7.46 11.71 1.84
C SER A 259 8.68 11.51 2.71
N GLU A 260 9.85 11.65 2.10
CA GLU A 260 11.09 11.46 2.81
C GLU A 260 11.49 12.70 3.61
N ASP A 261 10.70 13.76 3.52
CA ASP A 261 10.99 14.97 4.30
C ASP A 261 10.06 15.03 5.52
N ASN A 262 9.65 13.86 5.99
CA ASN A 262 8.82 13.72 7.19
C ASN A 262 7.40 14.31 7.17
N MET A 263 6.84 14.54 6.00
CA MET A 263 5.50 15.10 5.92
C MET A 263 4.60 14.32 5.00
N VAL A 264 3.30 14.54 5.15
CA VAL A 264 2.29 13.90 4.31
C VAL A 264 1.86 14.94 3.29
N TYR A 265 1.96 14.59 2.00
CA TYR A 265 1.58 15.53 0.96
C TYR A 265 0.20 15.22 0.38
N ILE A 266 -0.54 16.27 0.08
CA ILE A 266 -1.87 16.12 -0.49
C ILE A 266 -1.96 17.04 -1.71
N TRP A 267 -2.40 16.48 -2.83
CA TRP A 267 -2.52 17.24 -4.07
C TRP A 267 -3.94 17.26 -4.57
N ASN A 268 -4.30 18.36 -5.23
CA ASN A 268 -5.60 18.47 -5.87
C ASN A 268 -5.36 17.57 -7.07
N LEU A 269 -6.21 16.56 -7.25
CA LEU A 269 -6.04 15.62 -8.36
C LEU A 269 -6.06 16.27 -9.74
N GLN A 270 -6.98 17.21 -9.95
CA GLN A 270 -7.11 17.88 -11.24
C GLN A 270 -6.01 18.88 -11.54
N THR A 271 -5.88 19.89 -10.67
CA THR A 271 -4.90 20.95 -10.85
C THR A 271 -3.47 20.51 -10.62
N LYS A 272 -3.28 19.42 -9.88
CA LYS A 272 -1.96 18.91 -9.58
C LYS A 272 -1.24 19.78 -8.54
N GLU A 273 -1.95 20.74 -7.98
CA GLU A 273 -1.36 21.63 -7.00
C GLU A 273 -1.38 21.04 -5.59
N ILE A 274 -0.32 21.30 -4.83
CA ILE A 274 -0.24 20.81 -3.45
C ILE A 274 -1.23 21.66 -2.67
N VAL A 275 -2.18 21.02 -2.01
CA VAL A 275 -3.19 21.73 -1.24
C VAL A 275 -3.00 21.68 0.27
N GLN A 276 -2.08 20.83 0.73
CA GLN A 276 -1.80 20.73 2.16
C GLN A 276 -0.66 19.75 2.43
N LYS A 277 0.12 20.08 3.45
CA LYS A 277 1.26 19.25 3.86
C LYS A 277 1.10 19.06 5.38
N LEU A 278 0.99 17.80 5.80
CA LEU A 278 0.81 17.50 7.22
C LEU A 278 2.10 17.32 8.00
N GLN A 279 2.31 18.18 9.00
CA GLN A 279 3.50 18.11 9.83
C GLN A 279 3.26 17.45 11.19
N GLY A 280 4.28 16.78 11.70
CA GLY A 280 4.14 16.12 12.99
C GLY A 280 5.12 14.97 13.12
N HIS A 281 5.24 14.16 12.07
CA HIS A 281 6.16 13.04 12.09
C HIS A 281 7.60 13.53 12.14
N THR A 282 8.45 12.72 12.75
CA THR A 282 9.87 13.05 12.89
C THR A 282 10.76 12.14 12.07
N ASP A 283 10.16 11.43 11.11
CA ASP A 283 10.92 10.56 10.22
C ASP A 283 10.14 10.36 8.93
N VAL A 284 10.78 9.72 7.96
CA VAL A 284 10.15 9.44 6.68
C VAL A 284 8.75 8.86 6.86
N VAL A 285 7.79 9.43 6.14
CA VAL A 285 6.42 8.94 6.18
C VAL A 285 6.37 7.91 5.05
N ILE A 286 6.57 6.65 5.41
CA ILE A 286 6.61 5.53 4.48
C ILE A 286 5.25 5.07 3.98
N SER A 287 4.21 5.31 4.78
CA SER A 287 2.88 4.85 4.41
C SER A 287 1.76 5.79 4.82
N THR A 288 0.77 5.90 3.96
CA THR A 288 -0.41 6.71 4.21
C THR A 288 -1.57 5.90 3.71
N ALA A 289 -2.74 6.10 4.31
CA ALA A 289 -3.95 5.39 3.96
C ALA A 289 -5.13 6.35 4.16
N CYS A 290 -6.14 6.22 3.33
CA CYS A 290 -7.32 7.07 3.40
C CYS A 290 -8.54 6.28 3.82
N HIS A 291 -9.26 6.79 4.82
CA HIS A 291 -10.45 6.12 5.32
C HIS A 291 -11.47 5.92 4.19
N PRO A 292 -12.14 4.76 4.17
CA PRO A 292 -13.15 4.45 3.14
C PRO A 292 -14.43 5.28 3.16
N THR A 293 -14.75 5.96 4.25
CA THR A 293 -15.96 6.78 4.29
C THR A 293 -15.76 8.16 4.92
N GLU A 294 -14.78 8.28 5.80
CA GLU A 294 -14.50 9.55 6.46
C GLU A 294 -13.31 10.24 5.83
N ASN A 295 -13.19 11.55 6.10
CA ASN A 295 -12.07 12.32 5.60
C ASN A 295 -11.03 12.18 6.69
N ILE A 296 -10.50 10.96 6.80
CA ILE A 296 -9.49 10.61 7.77
C ILE A 296 -8.30 10.01 7.04
N ILE A 297 -7.12 10.36 7.50
CA ILE A 297 -5.89 9.86 6.92
C ILE A 297 -5.05 9.19 7.98
N ALA A 298 -4.49 8.02 7.66
CA ALA A 298 -3.62 7.33 8.59
C ALA A 298 -2.23 7.47 7.99
N SER A 299 -1.27 7.91 8.80
CA SER A 299 0.10 8.04 8.32
C SER A 299 1.03 7.32 9.28
N ALA A 300 2.12 6.76 8.74
CA ALA A 300 3.08 6.02 9.56
C ALA A 300 4.51 6.39 9.19
N ALA A 301 5.40 6.40 10.18
CA ALA A 301 6.78 6.78 9.94
C ALA A 301 7.85 5.75 10.33
N LEU A 302 9.07 5.99 9.88
CA LEU A 302 10.17 5.09 10.16
C LEU A 302 10.77 5.25 11.57
N GLU A 303 11.88 4.54 11.79
CA GLU A 303 12.64 4.47 13.05
C GLU A 303 12.69 5.59 14.09
N ASN A 304 12.93 6.83 13.67
CA ASN A 304 13.03 7.93 14.63
C ASN A 304 11.67 8.38 15.12
N ASP A 305 10.62 7.76 14.60
CA ASP A 305 9.26 8.11 14.93
C ASP A 305 8.52 6.88 15.45
N LYS A 306 8.29 5.92 14.56
CA LYS A 306 7.62 4.66 14.89
C LYS A 306 6.15 4.82 15.24
N THR A 307 5.63 6.05 15.14
CA THR A 307 4.24 6.26 15.47
C THR A 307 3.36 6.33 14.23
N ILE A 308 2.07 6.16 14.47
CA ILE A 308 1.07 6.23 13.43
C ILE A 308 0.23 7.43 13.84
N LYS A 309 -0.06 8.32 12.90
CA LYS A 309 -0.88 9.48 13.23
C LYS A 309 -2.17 9.44 12.44
N LEU A 310 -3.25 9.85 13.08
CA LEU A 310 -4.57 9.89 12.45
C LEU A 310 -4.95 11.36 12.27
N TRP A 311 -5.34 11.70 11.05
CA TRP A 311 -5.71 13.08 10.73
C TRP A 311 -7.12 13.13 10.19
N LYS A 312 -7.82 14.23 10.47
CA LYS A 312 -9.19 14.39 10.02
C LYS A 312 -9.44 15.81 9.50
N SER A 313 -10.29 15.92 8.47
CA SER A 313 -10.61 17.21 7.88
C SER A 313 -12.09 17.30 7.50
N ASP A 314 -12.55 18.51 7.17
CA ASP A 314 -13.94 18.72 6.77
C ASP A 314 -14.02 18.61 5.26
N CYS A 315 -12.89 18.90 4.61
CA CYS A 315 -12.75 18.87 3.16
C CYS A 315 -13.31 20.13 2.54
N ALA B 1 11.13 -5.37 5.28
CA ALA B 1 12.35 -4.61 4.84
C ALA B 1 12.00 -3.36 4.02
N ARG B 2 10.71 -3.11 3.80
CA ARG B 2 10.29 -1.92 3.07
C ARG B 2 10.84 -0.71 3.83
N THR B 3 11.10 -0.90 5.13
CA THR B 3 11.63 0.18 5.96
C THR B 3 13.11 0.55 5.71
N GLN B 5 16.49 0.88 2.85
CA GLN B 5 16.73 1.26 1.47
C GLN B 5 17.17 0.08 0.62
#